data_6N6S
#
_entry.id   6N6S
#
_cell.length_a   51.290
_cell.length_b   64.780
_cell.length_c   104.403
_cell.angle_alpha   90.00
_cell.angle_beta   91.49
_cell.angle_gamma   90.00
#
_symmetry.space_group_name_H-M   'I 1 2 1'
#
loop_
_entity.id
_entity.type
_entity.pdbx_description
1 polymer 'TNFAIP3-interacting protein 1'
2 water water
#
_entity_poly.entity_id   1
_entity_poly.type   'polypeptide(L)'
_entity_poly.pdbx_seq_one_letter_code
;GSLRKQELVTQNELLKQQVKIFEEDFQRERSDRERMNEEKEELKKQVEKLQAQVTLTNAQLKTLKEEEKAKE
;
_entity_poly.pdbx_strand_id   B,D,A,C
#
# COMPACT_ATOMS: atom_id res chain seq x y z
N ARG A 4 25.39 -39.70 13.93
CA ARG A 4 25.55 -38.29 13.41
C ARG A 4 25.24 -38.15 11.93
N LYS A 5 25.60 -39.15 11.11
CA LYS A 5 25.32 -39.09 9.65
C LYS A 5 23.83 -39.10 9.31
N GLN A 6 23.04 -39.85 10.08
CA GLN A 6 21.59 -39.77 9.97
C GLN A 6 21.11 -38.35 10.21
N GLU A 7 21.64 -37.75 11.28
CA GLU A 7 21.29 -36.36 11.68
C GLU A 7 21.68 -35.32 10.63
N LEU A 8 22.82 -35.53 9.97
CA LEU A 8 23.29 -34.68 8.88
C LEU A 8 22.41 -34.76 7.63
N VAL A 9 21.99 -35.98 7.27
CA VAL A 9 21.09 -36.18 6.10
C VAL A 9 19.72 -35.54 6.32
N THR A 10 19.17 -35.66 7.53
CA THR A 10 17.94 -34.93 7.86
C THR A 10 18.17 -33.43 7.65
N GLN A 11 19.24 -32.92 8.26
CA GLN A 11 19.62 -31.49 8.20
C GLN A 11 19.78 -31.05 6.77
N ASN A 12 20.50 -31.87 6.02
CA ASN A 12 20.73 -31.64 4.61
C ASN A 12 19.44 -31.53 3.81
N GLU A 13 18.48 -32.42 4.06
CA GLU A 13 17.15 -32.34 3.41
C GLU A 13 16.39 -31.04 3.78
N LEU A 14 16.47 -30.63 5.05
CA LEU A 14 15.77 -29.43 5.50
C LEU A 14 16.40 -28.14 4.93
N LEU A 15 17.72 -28.08 4.87
CA LEU A 15 18.37 -26.92 4.29
C LEU A 15 18.07 -26.82 2.79
N LYS A 16 18.03 -27.96 2.10
CA LYS A 16 17.72 -27.99 0.67
C LYS A 16 16.28 -27.62 0.44
N GLN A 17 15.41 -28.00 1.38
CA GLN A 17 14.01 -27.58 1.34
C GLN A 17 13.88 -26.05 1.53
N GLN A 18 14.50 -25.56 2.60
CA GLN A 18 14.58 -24.12 2.86
C GLN A 18 14.99 -23.36 1.62
N VAL A 19 16.07 -23.80 0.98
CA VAL A 19 16.56 -23.13 -0.21
C VAL A 19 15.52 -23.16 -1.32
N LYS A 20 14.84 -24.28 -1.49
CA LYS A 20 13.85 -24.40 -2.53
C LYS A 20 12.74 -23.37 -2.33
N ILE A 21 12.28 -23.16 -1.11
CA ILE A 21 11.20 -22.21 -0.84
C ILE A 21 11.65 -20.76 -1.04
N PHE A 22 12.87 -20.43 -0.62
CA PHE A 22 13.44 -19.11 -0.87
C PHE A 22 13.51 -18.83 -2.37
N GLU A 23 14.03 -19.79 -3.15
CA GLU A 23 14.09 -19.68 -4.63
C GLU A 23 12.75 -19.61 -5.35
N GLU A 24 11.73 -20.25 -4.78
CA GLU A 24 10.34 -20.09 -5.23
C GLU A 24 9.66 -18.78 -4.82
N ASP A 25 9.91 -18.33 -3.59
CA ASP A 25 9.51 -16.97 -3.13
C ASP A 25 10.24 -15.87 -3.90
N PHE A 26 11.50 -16.12 -4.26
CA PHE A 26 12.27 -15.17 -5.06
C PHE A 26 11.51 -14.91 -6.36
N GLN A 27 11.23 -15.98 -7.08
CA GLN A 27 10.67 -15.86 -8.41
C GLN A 27 9.24 -15.39 -8.38
N ARG A 28 8.52 -15.67 -7.30
CA ARG A 28 7.16 -15.10 -7.11
C ARG A 28 7.19 -13.59 -6.89
N GLU A 29 8.16 -13.12 -6.13
CA GLU A 29 8.31 -11.71 -5.81
C GLU A 29 8.62 -10.87 -7.04
N ARG A 30 9.40 -11.42 -7.98
CA ARG A 30 9.73 -10.74 -9.26
C ARG A 30 8.48 -10.36 -10.02
N SER A 31 7.54 -11.30 -10.07
CA SER A 31 6.26 -11.05 -10.67
C SER A 31 5.46 -9.99 -9.90
N ASP A 32 5.41 -10.12 -8.58
CA ASP A 32 4.69 -9.16 -7.78
C ASP A 32 5.27 -7.74 -7.86
N ARG A 33 6.59 -7.63 -7.91
CA ARG A 33 7.26 -6.33 -8.03
C ARG A 33 6.99 -5.71 -9.39
N GLU A 34 7.08 -6.54 -10.43
CA GLU A 34 6.73 -6.12 -11.78
C GLU A 34 5.28 -5.66 -11.88
N ARG A 35 4.38 -6.38 -11.22
CA ARG A 35 2.99 -5.97 -11.16
C ARG A 35 2.84 -4.62 -10.50
N MET A 36 3.43 -4.48 -9.34
CA MET A 36 3.33 -3.25 -8.56
C MET A 36 3.94 -2.08 -9.31
N ASN A 37 5.06 -2.34 -10.01
CA ASN A 37 5.81 -1.33 -10.79
C ASN A 37 4.98 -0.82 -11.99
N GLU A 38 4.17 -1.67 -12.59
CA GLU A 38 3.23 -1.23 -13.63
C GLU A 38 2.08 -0.45 -13.01
N GLU A 39 1.52 -0.95 -11.92
CA GLU A 39 0.50 -0.18 -11.19
C GLU A 39 0.96 1.22 -10.80
N LYS A 40 2.24 1.38 -10.53
CA LYS A 40 2.83 2.71 -10.28
C LYS A 40 2.84 3.54 -11.57
N GLU A 41 3.09 2.89 -12.72
CA GLU A 41 3.09 3.55 -14.02
C GLU A 41 1.71 4.02 -14.42
N GLU A 42 0.70 3.25 -14.06
CA GLU A 42 -0.67 3.65 -14.31
C GLU A 42 -1.07 4.91 -13.50
N LEU A 43 -0.62 4.95 -12.26
CA LEU A 43 -0.81 6.11 -11.41
C LEU A 43 0.03 7.30 -11.85
N LYS A 44 1.24 7.08 -12.36
CA LYS A 44 2.01 8.19 -12.95
C LYS A 44 1.26 8.80 -14.10
N LYS A 45 0.75 7.95 -15.00
CA LYS A 45 0.02 8.41 -16.16
C LYS A 45 -1.23 9.24 -15.80
N GLN A 46 -1.93 8.82 -14.75
CA GLN A 46 -3.07 9.57 -14.24
C GLN A 46 -2.67 10.94 -13.59
N VAL A 47 -1.47 11.04 -13.04
CA VAL A 47 -0.96 12.32 -12.55
C VAL A 47 -0.68 13.21 -13.75
N GLU A 48 0.07 12.68 -14.72
CA GLU A 48 0.48 13.42 -15.94
C GLU A 48 -0.72 13.99 -16.71
N LYS A 49 -1.80 13.20 -16.80
CA LYS A 49 -3.04 13.62 -17.46
C LYS A 49 -3.68 14.78 -16.74
N LEU A 50 -3.84 14.65 -15.44
CA LEU A 50 -4.43 15.68 -14.60
C LEU A 50 -3.58 16.97 -14.52
N GLN A 51 -2.25 16.86 -14.48
CA GLN A 51 -1.40 18.06 -14.50
C GLN A 51 -1.57 18.91 -15.79
N ALA A 52 -1.81 18.21 -16.91
CA ALA A 52 -2.16 18.81 -18.21
C ALA A 52 -3.49 19.54 -18.18
N GLN A 53 -4.46 18.95 -17.48
CA GLN A 53 -5.79 19.56 -17.31
C GLN A 53 -5.75 20.77 -16.38
N VAL A 54 -4.98 20.69 -15.31
CA VAL A 54 -4.78 21.81 -14.40
C VAL A 54 -4.14 22.99 -15.13
N THR A 55 -3.13 22.70 -15.97
CA THR A 55 -2.49 23.73 -16.78
C THR A 55 -3.48 24.31 -17.80
N LEU A 56 -4.24 23.43 -18.45
CA LEU A 56 -5.25 23.83 -19.45
C LEU A 56 -6.39 24.66 -18.86
N THR A 57 -6.94 24.23 -17.74
CA THR A 57 -8.00 24.99 -17.08
C THR A 57 -7.53 26.38 -16.63
N ASN A 58 -6.30 26.48 -16.12
CA ASN A 58 -5.77 27.76 -15.67
C ASN A 58 -5.66 28.71 -16.83
N ALA A 59 -5.23 28.19 -17.97
CA ALA A 59 -5.01 29.00 -19.16
C ALA A 59 -6.32 29.44 -19.85
N GLN A 60 -7.32 28.57 -19.83
CA GLN A 60 -8.67 28.92 -20.27
C GLN A 60 -9.32 29.98 -19.39
N LEU A 61 -9.11 29.88 -18.07
CA LEU A 61 -9.55 30.92 -17.12
C LEU A 61 -8.87 32.25 -17.39
N LYS A 62 -7.60 32.23 -17.74
CA LYS A 62 -6.82 33.45 -17.94
C LYS A 62 -7.28 34.19 -19.20
N THR A 63 -7.48 33.43 -20.28
CA THR A 63 -7.94 34.01 -21.53
C THR A 63 -9.39 34.46 -21.45
N LEU A 64 -10.23 33.75 -20.68
CA LEU A 64 -11.63 34.12 -20.46
C LEU A 64 -11.74 35.44 -19.68
N LYS A 65 -10.87 35.64 -18.69
CA LYS A 65 -10.80 36.94 -18.00
C LYS A 65 -10.26 38.04 -18.94
N GLU A 66 -9.26 37.71 -19.76
CA GLU A 66 -8.77 38.62 -20.82
C GLU A 66 -9.84 39.00 -21.83
N GLU A 67 -10.77 38.08 -22.11
CA GLU A 67 -11.93 38.34 -23.01
C GLU A 67 -12.91 39.39 -22.46
N GLU A 68 -12.68 39.82 -21.21
CA GLU A 68 -13.33 41.00 -20.63
C GLU A 68 -12.38 42.21 -20.70
N ARG B 4 29.79 -40.77 2.94
CA ARG B 4 29.43 -39.40 2.44
C ARG B 4 29.32 -38.36 3.56
N LYS B 5 29.95 -38.63 4.72
CA LYS B 5 29.71 -37.90 5.97
C LYS B 5 30.35 -36.53 5.99
N GLN B 6 31.63 -36.49 5.68
CA GLN B 6 32.30 -35.20 5.57
C GLN B 6 31.75 -34.33 4.41
N GLU B 7 31.32 -34.97 3.32
CA GLU B 7 30.65 -34.27 2.20
C GLU B 7 29.37 -33.53 2.69
N LEU B 8 28.54 -34.23 3.46
CA LEU B 8 27.40 -33.60 4.14
C LEU B 8 27.82 -32.47 5.10
N VAL B 9 28.92 -32.65 5.83
CA VAL B 9 29.30 -31.66 6.85
C VAL B 9 29.75 -30.39 6.19
N THR B 10 30.55 -30.52 5.15
CA THR B 10 30.90 -29.41 4.24
C THR B 10 29.66 -28.72 3.58
N GLN B 11 28.79 -29.52 2.93
CA GLN B 11 27.59 -28.99 2.27
C GLN B 11 26.57 -28.31 3.20
N ASN B 12 26.31 -28.90 4.37
CA ASN B 12 25.41 -28.30 5.35
C ASN B 12 25.90 -26.95 5.87
N GLU B 13 27.22 -26.81 6.06
CA GLU B 13 27.80 -25.53 6.45
C GLU B 13 27.56 -24.51 5.35
N LEU B 14 27.87 -24.89 4.11
CA LEU B 14 27.69 -24.02 2.95
C LEU B 14 26.23 -23.69 2.71
N LEU B 15 25.31 -24.63 2.91
CA LEU B 15 23.87 -24.32 2.79
C LEU B 15 23.38 -23.40 3.88
N LYS B 16 23.83 -23.65 5.12
CA LYS B 16 23.59 -22.75 6.26
C LYS B 16 23.99 -21.29 5.99
N GLN B 17 25.13 -21.09 5.32
CA GLN B 17 25.54 -19.74 4.83
C GLN B 17 24.58 -19.18 3.77
N GLN B 18 24.16 -20.03 2.80
CA GLN B 18 23.24 -19.65 1.71
C GLN B 18 21.84 -19.23 2.21
N VAL B 19 21.35 -19.93 3.23
CA VAL B 19 20.11 -19.58 3.94
C VAL B 19 20.20 -18.22 4.66
N LYS B 20 21.36 -17.93 5.27
CA LYS B 20 21.62 -16.59 5.87
C LYS B 20 21.53 -15.47 4.82
N ILE B 21 22.10 -15.70 3.64
CA ILE B 21 22.03 -14.71 2.56
C ILE B 21 20.58 -14.60 2.08
N PHE B 22 19.92 -15.73 1.78
CA PHE B 22 18.50 -15.69 1.40
C PHE B 22 17.62 -14.93 2.37
N GLU B 23 17.95 -15.04 3.66
CA GLU B 23 17.17 -14.38 4.68
C GLU B 23 17.42 -12.89 4.73
N GLU B 24 18.66 -12.52 4.42
CA GLU B 24 19.04 -11.12 4.24
C GLU B 24 18.46 -10.52 2.94
N ASP B 25 18.36 -11.31 1.89
CA ASP B 25 17.66 -10.89 0.67
C ASP B 25 16.19 -10.63 0.96
N PHE B 26 15.59 -11.43 1.84
CA PHE B 26 14.18 -11.33 2.12
C PHE B 26 13.81 -10.01 2.77
N GLN B 27 14.59 -9.59 3.77
CA GLN B 27 14.33 -8.34 4.51
C GLN B 27 14.65 -7.12 3.60
N ARG B 28 15.60 -7.31 2.68
CA ARG B 28 15.88 -6.32 1.64
C ARG B 28 14.69 -6.17 0.66
N GLU B 29 14.12 -7.30 0.25
CA GLU B 29 12.88 -7.34 -0.55
C GLU B 29 11.65 -6.78 0.16
N ARG B 30 11.62 -6.88 1.48
CA ARG B 30 10.57 -6.22 2.28
C ARG B 30 10.69 -4.71 2.22
N SER B 31 11.92 -4.20 2.35
CA SER B 31 12.18 -2.77 2.34
C SER B 31 11.88 -2.14 1.00
N ASP B 32 12.15 -2.88 -0.08
CA ASP B 32 11.88 -2.39 -1.46
C ASP B 32 10.40 -2.42 -1.79
N ARG B 33 9.72 -3.45 -1.30
CA ARG B 33 8.29 -3.54 -1.48
C ARG B 33 7.63 -2.39 -0.73
N GLU B 34 8.06 -2.14 0.49
CA GLU B 34 7.49 -1.07 1.29
C GLU B 34 7.74 0.30 0.66
N ARG B 35 8.94 0.54 0.14
CA ARG B 35 9.23 1.83 -0.51
C ARG B 35 8.32 2.12 -1.70
N MET B 36 8.05 1.09 -2.51
CA MET B 36 7.24 1.25 -3.71
C MET B 36 5.77 1.42 -3.37
N ASN B 37 5.30 0.73 -2.33
CA ASN B 37 3.90 0.86 -1.87
C ASN B 37 3.61 2.25 -1.38
N GLU B 38 4.49 2.86 -0.60
CA GLU B 38 4.25 4.24 -0.17
C GLU B 38 4.38 5.20 -1.32
N GLU B 39 5.28 4.95 -2.26
CA GLU B 39 5.39 5.81 -3.46
C GLU B 39 4.09 5.87 -4.26
N LYS B 40 3.40 4.74 -4.33
CA LYS B 40 2.05 4.65 -4.87
C LYS B 40 1.02 5.41 -4.04
N GLU B 41 1.14 5.36 -2.72
CA GLU B 41 0.26 6.14 -1.84
C GLU B 41 0.57 7.63 -1.94
N GLU B 42 1.84 7.99 -2.16
CA GLU B 42 2.19 9.39 -2.44
C GLU B 42 1.63 9.89 -3.76
N LEU B 43 1.53 8.99 -4.74
CA LEU B 43 0.91 9.28 -6.04
C LEU B 43 -0.61 9.32 -5.98
N LYS B 44 -1.21 8.44 -5.17
CA LYS B 44 -2.68 8.46 -4.99
C LYS B 44 -3.14 9.81 -4.46
N LYS B 45 -2.49 10.27 -3.39
CA LYS B 45 -2.86 11.55 -2.76
C LYS B 45 -2.66 12.77 -3.69
N GLN B 46 -1.63 12.69 -4.54
CA GLN B 46 -1.38 13.70 -5.57
C GLN B 46 -2.54 13.74 -6.60
N VAL B 47 -3.12 12.58 -6.89
CA VAL B 47 -4.23 12.50 -7.80
C VAL B 47 -5.42 13.17 -7.17
N GLU B 48 -5.65 12.90 -5.90
CA GLU B 48 -6.77 13.57 -5.20
C GLU B 48 -6.54 15.09 -5.13
N LYS B 49 -5.30 15.52 -4.90
CA LYS B 49 -4.96 16.95 -4.89
C LYS B 49 -5.21 17.59 -6.22
N LEU B 50 -4.76 16.93 -7.28
CA LEU B 50 -4.89 17.46 -8.63
C LEU B 50 -6.32 17.52 -9.11
N GLN B 51 -7.11 16.50 -8.83
CA GLN B 51 -8.55 16.50 -9.13
C GLN B 51 -9.30 17.64 -8.44
N ALA B 52 -8.91 17.92 -7.19
CA ALA B 52 -9.52 19.00 -6.42
C ALA B 52 -9.20 20.34 -7.03
N GLN B 53 -8.01 20.45 -7.62
CA GLN B 53 -7.53 21.68 -8.28
C GLN B 53 -8.20 21.87 -9.62
N VAL B 54 -8.43 20.79 -10.37
CA VAL B 54 -9.26 20.82 -11.57
C VAL B 54 -10.67 21.27 -11.20
N THR B 55 -11.24 20.66 -10.17
CA THR B 55 -12.55 21.06 -9.68
C THR B 55 -12.57 22.55 -9.33
N LEU B 56 -11.54 23.00 -8.63
CA LEU B 56 -11.39 24.38 -8.22
C LEU B 56 -11.44 25.34 -9.40
N THR B 57 -10.68 25.07 -10.45
CA THR B 57 -10.62 25.99 -11.62
C THR B 57 -11.89 25.93 -12.42
N ASN B 58 -12.46 24.73 -12.53
CA ASN B 58 -13.70 24.54 -13.29
C ASN B 58 -14.88 25.25 -12.61
N ALA B 59 -14.83 25.32 -11.29
CA ALA B 59 -15.81 26.11 -10.58
C ALA B 59 -15.68 27.58 -10.98
N GLN B 60 -14.46 28.11 -10.87
CA GLN B 60 -14.16 29.50 -11.26
C GLN B 60 -14.57 29.78 -12.70
N LEU B 61 -14.34 28.83 -13.60
CA LEU B 61 -14.83 28.93 -14.98
C LEU B 61 -16.35 29.04 -15.04
N LYS B 62 -17.02 28.11 -14.37
CA LYS B 62 -18.48 28.08 -14.34
C LYS B 62 -19.09 29.40 -13.83
N THR B 63 -18.64 29.83 -12.64
CA THR B 63 -19.02 31.10 -12.02
C THR B 63 -18.82 32.27 -12.94
N LEU B 64 -17.67 32.33 -13.62
CA LEU B 64 -17.36 33.43 -14.51
C LEU B 64 -18.34 33.45 -15.66
N LYS B 65 -18.53 32.29 -16.28
CA LYS B 65 -19.40 32.17 -17.42
C LYS B 65 -20.85 32.45 -17.05
N GLU B 66 -21.28 31.90 -15.91
CA GLU B 66 -22.62 32.16 -15.38
C GLU B 66 -22.83 33.65 -15.07
N GLU B 67 -21.80 34.29 -14.50
CA GLU B 67 -21.87 35.72 -14.15
C GLU B 67 -21.90 36.60 -15.39
N GLU B 68 -21.23 36.16 -16.45
CA GLU B 68 -21.34 36.80 -17.79
C GLU B 68 -22.72 36.63 -18.43
N LYS B 69 -23.33 35.44 -18.31
CA LYS B 69 -24.69 35.20 -18.80
C LYS B 69 -25.67 36.24 -18.25
N ALA B 70 -25.57 36.53 -16.95
CA ALA B 70 -26.42 37.54 -16.30
C ALA B 70 -26.27 38.93 -16.91
N LYS B 71 -25.02 39.27 -17.27
CA LYS B 71 -24.59 40.60 -17.79
C LYS B 71 -24.79 40.77 -19.30
N GLU B 72 -24.87 39.64 -20.03
CA GLU B 72 -25.36 39.59 -21.42
C GLU B 72 -26.76 40.23 -21.51
N LYS C 5 1.64 45.13 12.91
CA LYS C 5 0.38 44.54 12.36
C LYS C 5 0.62 43.73 11.10
N GLN C 6 1.39 44.31 10.17
CA GLN C 6 1.54 43.78 8.81
C GLN C 6 2.16 42.37 8.78
N GLU C 7 3.17 42.14 9.62
CA GLU C 7 3.76 40.80 9.79
C GLU C 7 2.82 39.83 10.51
N LEU C 8 2.01 40.35 11.43
CA LEU C 8 1.05 39.56 12.24
C LEU C 8 -0.21 39.09 11.48
N VAL C 9 -0.74 39.96 10.62
CA VAL C 9 -1.85 39.59 9.75
C VAL C 9 -1.39 38.59 8.66
N THR C 10 -0.19 38.80 8.10
CA THR C 10 0.31 37.92 7.03
C THR C 10 0.40 36.49 7.54
N GLN C 11 0.91 36.34 8.77
CA GLN C 11 1.11 35.02 9.36
C GLN C 11 -0.20 34.41 9.79
N ASN C 12 -1.14 35.23 10.21
CA ASN C 12 -2.45 34.75 10.60
C ASN C 12 -3.21 34.16 9.42
N GLU C 13 -3.14 34.86 8.29
CA GLU C 13 -3.71 34.37 7.01
C GLU C 13 -2.98 33.13 6.50
N LEU C 14 -1.66 33.02 6.78
CA LEU C 14 -0.84 31.87 6.40
C LEU C 14 -1.23 30.62 7.17
N LEU C 15 -1.31 30.76 8.47
CA LEU C 15 -1.52 29.62 9.33
C LEU C 15 -2.94 29.18 9.27
N LYS C 16 -3.87 30.11 9.10
CA LYS C 16 -5.29 29.77 8.94
C LYS C 16 -5.50 28.92 7.67
N GLN C 17 -4.83 29.31 6.60
CA GLN C 17 -4.85 28.57 5.34
C GLN C 17 -4.13 27.23 5.51
N GLN C 18 -3.00 27.23 6.22
CA GLN C 18 -2.24 26.01 6.46
C GLN C 18 -3.18 24.98 7.12
N VAL C 19 -3.80 25.36 8.24
CA VAL C 19 -4.76 24.49 8.95
C VAL C 19 -5.89 24.06 8.01
N LYS C 20 -6.45 24.99 7.24
CA LYS C 20 -7.52 24.67 6.27
C LYS C 20 -7.14 23.49 5.36
N ILE C 21 -5.86 23.40 4.97
CA ILE C 21 -5.37 22.31 4.11
C ILE C 21 -5.27 21.00 4.92
N PHE C 22 -4.64 21.06 6.11
CA PHE C 22 -4.50 19.86 6.97
C PHE C 22 -5.86 19.22 7.28
N GLU C 23 -6.87 20.02 7.62
CA GLU C 23 -8.20 19.51 7.92
C GLU C 23 -8.78 18.80 6.71
N GLU C 24 -8.71 19.44 5.55
CA GLU C 24 -9.19 18.78 4.33
C GLU C 24 -8.44 17.46 4.12
N ASP C 25 -7.11 17.49 4.22
CA ASP C 25 -6.27 16.28 4.14
C ASP C 25 -6.64 15.22 5.19
N PHE C 26 -6.98 15.66 6.38
CA PHE C 26 -7.34 14.75 7.50
C PHE C 26 -8.60 13.97 7.20
N GLN C 27 -9.61 14.66 6.68
CA GLN C 27 -10.88 14.05 6.29
C GLN C 27 -10.67 13.14 5.06
N ARG C 28 -9.85 13.60 4.10
CA ARG C 28 -9.48 12.77 2.94
C ARG C 28 -8.83 11.48 3.40
N GLU C 29 -8.00 11.57 4.44
CA GLU C 29 -7.30 10.40 4.97
C GLU C 29 -8.20 9.46 5.72
N ARG C 30 -9.23 9.97 6.38
CA ARG C 30 -10.21 9.07 7.02
C ARG C 30 -10.83 8.12 6.00
N SER C 31 -11.19 8.67 4.84
CA SER C 31 -11.71 7.89 3.72
C SER C 31 -10.71 6.83 3.27
N ASP C 32 -9.45 7.22 3.15
CA ASP C 32 -8.40 6.30 2.71
C ASP C 32 -8.08 5.24 3.78
N ARG C 33 -8.18 5.62 5.05
CA ARG C 33 -7.93 4.70 6.14
C ARG C 33 -9.09 3.73 6.33
N GLU C 34 -10.28 4.19 5.95
CA GLU C 34 -11.45 3.34 5.94
C GLU C 34 -11.39 2.32 4.79
N ARG C 35 -11.06 2.78 3.59
CA ARG C 35 -10.94 1.88 2.41
C ARG C 35 -9.91 0.78 2.59
N MET C 36 -8.74 1.16 3.12
CA MET C 36 -7.63 0.23 3.31
C MET C 36 -7.94 -0.81 4.37
N ASN C 37 -8.66 -0.41 5.41
CA ASN C 37 -8.98 -1.31 6.49
C ASN C 37 -9.93 -2.41 5.98
N GLU C 38 -10.96 -2.00 5.23
CA GLU C 38 -11.95 -2.92 4.65
C GLU C 38 -11.33 -3.88 3.64
N GLU C 39 -10.36 -3.38 2.89
CA GLU C 39 -9.59 -4.18 1.94
C GLU C 39 -8.86 -5.24 2.71
N LYS C 40 -8.25 -4.87 3.83
CA LYS C 40 -7.59 -5.83 4.71
C LYS C 40 -8.59 -6.84 5.28
N GLU C 41 -9.76 -6.36 5.68
CA GLU C 41 -10.82 -7.20 6.21
C GLU C 41 -11.30 -8.19 5.15
N GLU C 42 -11.26 -7.80 3.86
CA GLU C 42 -11.64 -8.69 2.73
C GLU C 42 -10.58 -9.75 2.47
N LEU C 43 -9.33 -9.35 2.64
CA LEU C 43 -8.21 -10.29 2.56
C LEU C 43 -8.12 -11.22 3.73
N LYS C 44 -8.62 -10.81 4.89
CA LYS C 44 -8.69 -11.71 6.05
C LYS C 44 -9.77 -12.75 5.89
N LYS C 45 -10.90 -12.35 5.35
CA LYS C 45 -12.01 -13.28 5.10
C LYS C 45 -11.73 -14.26 3.97
N GLN C 46 -10.91 -13.86 3.01
CA GLN C 46 -10.46 -14.75 1.96
C GLN C 46 -9.53 -15.84 2.49
N VAL C 47 -8.61 -15.45 3.38
CA VAL C 47 -7.70 -16.36 4.09
C VAL C 47 -8.46 -17.32 4.97
N GLU C 48 -9.42 -16.80 5.72
CA GLU C 48 -10.21 -17.62 6.65
C GLU C 48 -10.97 -18.72 5.92
N LYS C 49 -11.51 -18.38 4.75
CA LYS C 49 -12.21 -19.36 3.92
C LYS C 49 -11.31 -20.43 3.37
N LEU C 50 -10.12 -20.05 2.91
CA LEU C 50 -9.14 -21.00 2.38
C LEU C 50 -8.59 -21.90 3.44
N GLN C 51 -8.44 -21.38 4.66
CA GLN C 51 -8.00 -22.18 5.82
C GLN C 51 -8.98 -23.30 6.17
N ALA C 52 -10.27 -23.04 6.00
CA ALA C 52 -11.31 -24.04 6.15
C ALA C 52 -11.27 -25.10 5.08
N GLN C 53 -11.04 -24.68 3.84
CA GLN C 53 -10.93 -25.60 2.72
C GLN C 53 -9.75 -26.56 2.92
N VAL C 54 -8.60 -26.04 3.33
CA VAL C 54 -7.40 -26.85 3.58
C VAL C 54 -7.62 -27.88 4.70
N THR C 55 -8.33 -27.47 5.73
CA THR C 55 -8.71 -28.39 6.80
C THR C 55 -9.66 -29.49 6.28
N LEU C 56 -10.69 -29.10 5.52
CA LEU C 56 -11.65 -30.05 4.94
C LEU C 56 -11.01 -31.01 3.95
N THR C 57 -10.25 -30.49 3.00
CA THR C 57 -9.64 -31.33 1.97
C THR C 57 -8.66 -32.37 2.54
N ASN C 58 -7.93 -32.00 3.58
CA ASN C 58 -7.05 -32.92 4.26
C ASN C 58 -7.83 -33.98 4.98
N ALA C 59 -8.99 -33.63 5.51
CA ALA C 59 -9.88 -34.60 6.18
C ALA C 59 -10.51 -35.56 5.19
N GLN C 60 -10.93 -35.03 4.04
CA GLN C 60 -11.52 -35.86 2.98
C GLN C 60 -10.54 -36.88 2.41
N LEU C 61 -9.29 -36.45 2.21
CA LEU C 61 -8.21 -37.29 1.75
C LEU C 61 -7.90 -38.37 2.80
N LYS C 62 -7.86 -37.98 4.07
CA LYS C 62 -7.68 -38.91 5.18
C LYS C 62 -8.78 -39.96 5.24
N THR C 63 -10.02 -39.55 4.98
CA THR C 63 -11.16 -40.45 4.99
C THR C 63 -11.13 -41.36 3.77
N LEU C 64 -10.70 -40.83 2.63
CA LEU C 64 -10.65 -41.58 1.34
C LEU C 64 -9.53 -42.62 1.32
N LYS C 65 -8.38 -42.27 1.86
CA LYS C 65 -7.34 -43.28 2.10
C LYS C 65 -7.86 -44.35 3.07
N GLU C 66 -8.51 -43.96 4.16
CA GLU C 66 -9.04 -44.91 5.13
C GLU C 66 -10.10 -45.85 4.54
N GLU C 67 -10.96 -45.29 3.67
CA GLU C 67 -11.96 -46.08 2.94
C GLU C 67 -11.33 -47.04 1.93
N GLU C 68 -10.15 -46.70 1.40
CA GLU C 68 -9.42 -47.57 0.46
C GLU C 68 -8.92 -48.90 1.05
N LYS C 69 -8.79 -48.99 2.36
CA LYS C 69 -8.20 -50.18 2.98
C LYS C 69 -9.04 -51.47 2.91
N GLY D 1 -7.54 48.45 18.13
CA GLY D 1 -6.14 48.45 17.60
C GLY D 1 -5.20 47.53 18.38
N SER D 2 -5.00 47.82 19.67
CA SER D 2 -4.23 46.90 20.55
C SER D 2 -4.91 45.54 20.79
N LEU D 3 -6.25 45.54 20.95
CA LEU D 3 -7.03 44.32 21.16
C LEU D 3 -6.99 43.41 19.95
N ARG D 4 -7.03 44.00 18.75
CA ARG D 4 -7.01 43.27 17.47
C ARG D 4 -5.67 42.55 17.28
N LYS D 5 -4.56 43.21 17.59
CA LYS D 5 -3.25 42.54 17.57
C LYS D 5 -3.11 41.46 18.65
N GLN D 6 -3.50 41.75 19.89
CA GLN D 6 -3.51 40.73 20.96
C GLN D 6 -4.30 39.49 20.52
N GLU D 7 -5.45 39.71 19.89
CA GLU D 7 -6.35 38.64 19.39
C GLU D 7 -5.68 37.81 18.32
N LEU D 8 -5.00 38.50 17.39
CA LEU D 8 -4.19 37.84 16.38
C LEU D 8 -3.03 37.06 17.03
N VAL D 9 -2.18 37.72 17.83
CA VAL D 9 -1.09 37.02 18.57
C VAL D 9 -1.57 35.70 19.23
N THR D 10 -2.68 35.81 19.95
CA THR D 10 -3.25 34.66 20.62
C THR D 10 -3.68 33.60 19.59
N GLN D 11 -4.36 34.06 18.53
CA GLN D 11 -4.83 33.17 17.48
C GLN D 11 -3.65 32.51 16.76
N ASN D 12 -2.59 33.27 16.51
CA ASN D 12 -1.42 32.75 15.78
C ASN D 12 -0.68 31.66 16.53
N GLU D 13 -0.61 31.77 17.85
CA GLU D 13 0.01 30.72 18.70
C GLU D 13 -0.79 29.43 18.75
N LEU D 14 -2.13 29.56 18.79
CA LEU D 14 -3.04 28.40 18.73
C LEU D 14 -2.95 27.71 17.38
N LEU D 15 -2.75 28.48 16.32
CA LEU D 15 -2.59 27.91 14.99
C LEU D 15 -1.21 27.25 14.83
N LYS D 16 -0.15 27.80 15.42
CA LYS D 16 1.17 27.13 15.42
C LYS D 16 1.21 25.83 16.26
N GLN D 17 0.34 25.73 17.26
CA GLN D 17 0.12 24.46 17.97
C GLN D 17 -0.73 23.46 17.16
N GLN D 18 -1.72 23.98 16.42
CA GLN D 18 -2.56 23.15 15.53
C GLN D 18 -1.78 22.61 14.36
N VAL D 19 -0.91 23.44 13.79
CA VAL D 19 0.00 23.00 12.74
C VAL D 19 0.98 21.96 13.26
N LYS D 20 1.52 22.16 14.45
CA LYS D 20 2.43 21.18 15.08
C LYS D 20 1.77 19.78 15.24
N ILE D 21 0.53 19.76 15.74
CA ILE D 21 -0.25 18.51 15.98
C ILE D 21 -0.64 17.79 14.69
N PHE D 22 -1.05 18.54 13.66
CA PHE D 22 -1.33 17.96 12.34
C PHE D 22 -0.09 17.37 11.64
N GLU D 23 1.07 17.95 11.90
CA GLU D 23 2.33 17.45 11.34
C GLU D 23 2.82 16.22 12.10
N GLU D 24 2.48 16.12 13.38
CA GLU D 24 2.78 14.91 14.16
C GLU D 24 1.84 13.81 13.78
N ASP D 25 0.58 14.17 13.56
CA ASP D 25 -0.44 13.22 13.10
C ASP D 25 -0.04 12.68 11.71
N PHE D 26 0.55 13.53 10.88
CA PHE D 26 0.88 13.20 9.51
C PHE D 26 1.86 12.09 9.46
N GLN D 27 2.97 12.23 10.18
CA GLN D 27 4.02 11.21 10.21
C GLN D 27 3.61 9.96 10.97
N ARG D 28 2.69 10.13 11.89
CA ARG D 28 2.07 9.01 12.57
C ARG D 28 1.17 8.26 11.60
N GLU D 29 0.44 9.02 10.78
CA GLU D 29 -0.47 8.46 9.78
C GLU D 29 0.26 7.80 8.62
N ARG D 30 1.47 8.25 8.36
CA ARG D 30 2.29 7.61 7.36
C ARG D 30 2.72 6.22 7.82
N SER D 31 3.20 6.09 9.06
CA SER D 31 3.68 4.82 9.58
C SER D 31 2.58 3.76 9.67
N ASP D 32 1.38 4.17 10.07
CA ASP D 32 0.22 3.28 10.08
C ASP D 32 -0.11 2.78 8.69
N ARG D 33 -0.13 3.68 7.72
CA ARG D 33 -0.41 3.34 6.33
C ARG D 33 0.61 2.33 5.81
N GLU D 34 1.88 2.60 6.07
CA GLU D 34 2.98 1.66 5.77
C GLU D 34 2.82 0.28 6.43
N ARG D 35 2.42 0.28 7.68
CA ARG D 35 2.17 -0.95 8.42
C ARG D 35 1.05 -1.77 7.81
N MET D 36 -0.07 -1.08 7.56
CA MET D 36 -1.30 -1.70 7.00
C MET D 36 -1.17 -2.14 5.54
N ASN D 37 -0.39 -1.42 4.74
CA ASN D 37 -0.03 -1.89 3.41
C ASN D 37 0.79 -3.20 3.48
N GLU D 38 1.76 -3.26 4.41
CA GLU D 38 2.62 -4.46 4.52
C GLU D 38 1.78 -5.65 4.93
N GLU D 39 0.91 -5.44 5.90
CA GLU D 39 0.00 -6.50 6.34
C GLU D 39 -0.86 -7.10 5.19
N LYS D 40 -1.32 -6.22 4.31
CA LYS D 40 -2.00 -6.62 3.06
C LYS D 40 -1.11 -7.46 2.13
N GLU D 41 0.14 -7.04 1.95
CA GLU D 41 1.10 -7.84 1.18
C GLU D 41 1.42 -9.21 1.81
N GLU D 42 1.43 -9.30 3.15
CA GLU D 42 1.49 -10.60 3.86
C GLU D 42 0.21 -11.43 3.65
N LEU D 43 -0.94 -10.80 3.79
CA LEU D 43 -2.23 -11.49 3.60
C LEU D 43 -2.48 -12.00 2.17
N LYS D 44 -2.00 -11.24 1.17
CA LYS D 44 -2.04 -11.67 -0.23
C LYS D 44 -1.13 -12.88 -0.47
N LYS D 45 0.08 -12.83 0.10
CA LYS D 45 1.00 -13.96 0.04
C LYS D 45 0.47 -15.22 0.72
N GLN D 46 -0.26 -15.07 1.82
CA GLN D 46 -0.95 -16.20 2.46
C GLN D 46 -1.96 -16.85 1.54
N VAL D 47 -2.80 -16.02 0.91
CA VAL D 47 -3.79 -16.50 -0.06
C VAL D 47 -3.13 -17.26 -1.20
N GLU D 48 -2.06 -16.70 -1.76
CA GLU D 48 -1.35 -17.43 -2.82
C GLU D 48 -1.00 -18.84 -2.32
N LYS D 49 -0.31 -18.91 -1.18
CA LYS D 49 0.14 -20.16 -0.55
C LYS D 49 -0.95 -21.08 -0.10
N LEU D 50 -2.05 -20.51 0.37
CA LEU D 50 -3.20 -21.31 0.76
C LEU D 50 -3.96 -21.88 -0.44
N GLN D 51 -4.01 -21.12 -1.51
CA GLN D 51 -4.62 -21.61 -2.72
C GLN D 51 -3.76 -22.76 -3.22
N ALA D 52 -2.44 -22.59 -3.18
CA ALA D 52 -1.52 -23.65 -3.56
C ALA D 52 -1.75 -24.97 -2.80
N GLN D 53 -1.96 -24.87 -1.48
CA GLN D 53 -2.25 -26.06 -0.66
C GLN D 53 -3.56 -26.76 -1.04
N VAL D 54 -4.57 -25.99 -1.48
CA VAL D 54 -5.91 -26.52 -1.87
C VAL D 54 -5.76 -27.29 -3.16
N THR D 55 -5.17 -26.65 -4.18
CA THR D 55 -4.85 -27.34 -5.43
C THR D 55 -3.95 -28.59 -5.26
N LEU D 56 -2.98 -28.52 -4.36
CA LEU D 56 -2.14 -29.69 -4.03
C LEU D 56 -2.97 -30.87 -3.51
N THR D 57 -3.76 -30.62 -2.47
CA THR D 57 -4.60 -31.67 -1.85
C THR D 57 -5.79 -32.11 -2.70
N ASN D 58 -6.34 -31.20 -3.53
CA ASN D 58 -7.40 -31.59 -4.47
C ASN D 58 -6.81 -32.45 -5.59
N ALA D 59 -5.56 -32.17 -5.99
CA ALA D 59 -4.87 -33.03 -6.97
C ALA D 59 -4.65 -34.43 -6.43
N GLN D 60 -4.20 -34.51 -5.18
CA GLN D 60 -4.04 -35.79 -4.49
C GLN D 60 -5.36 -36.59 -4.41
N LEU D 61 -6.47 -35.89 -4.14
CA LEU D 61 -7.80 -36.51 -4.17
C LEU D 61 -8.11 -37.06 -5.56
N LYS D 62 -7.77 -36.28 -6.58
CA LYS D 62 -8.14 -36.61 -7.95
C LYS D 62 -7.48 -37.91 -8.34
N THR D 63 -6.18 -37.98 -8.05
CA THR D 63 -5.31 -39.11 -8.39
C THR D 63 -5.70 -40.41 -7.72
N LEU D 64 -6.00 -40.36 -6.43
CA LEU D 64 -6.52 -41.54 -5.70
C LEU D 64 -7.83 -42.07 -6.24
N LYS D 65 -8.76 -41.15 -6.45
CA LYS D 65 -10.12 -41.45 -6.91
C LYS D 65 -10.10 -42.06 -8.29
N GLU D 66 -9.25 -41.53 -9.15
CA GLU D 66 -9.03 -42.12 -10.48
C GLU D 66 -8.25 -43.46 -10.42
N GLU D 67 -7.19 -43.51 -9.62
CA GLU D 67 -6.41 -44.76 -9.40
C GLU D 67 -7.25 -45.85 -8.76
N GLU D 68 -8.22 -45.48 -7.93
CA GLU D 68 -9.18 -46.46 -7.34
C GLU D 68 -10.22 -46.97 -8.34
#